data_3SVJ
#
_entry.id   3SVJ
#
_cell.length_a   50.385
_cell.length_b   50.385
_cell.length_c   92.472
_cell.angle_alpha   90.00
_cell.angle_beta   90.00
_cell.angle_gamma   90.00
#
_symmetry.space_group_name_H-M   'P 43'
#
loop_
_entity.id
_entity.type
_entity.pdbx_description
1 polymer 'Peptide deformylase 3'
2 non-polymer 'SULFATE ION'
3 non-polymer (4R)-3-(4-[4-(2-chlorophenyl)piperazin-1-yl]-6-{[2-methyl-6-(methylcarbamoyl)phenyl]amino}-1,3,5-triazin-2-yl)-N-methyl-1,3-thiazolidine-4-carboxamide
4 non-polymer 'NICKEL (II) ION'
5 non-polymer GLYCEROL
6 water water
#
_entity_poly.entity_id   1
_entity_poly.type   'polypeptide(L)'
_entity_poly.pdbx_seq_one_letter_code
;MSAIERITKAAHLIDMNDIIREGNPTLRTVAEEVTFPLSDQEIILGEKMMQFLKHSQDPVMAEKMGLRGGVGLAAPQLDI
SKRIIAVLVPNIVEEGETPQEAYDLEAIMYNPKIVSHSVQDAALGEGEG(OCS)LSVDRNVPGYVVRHARVTVDYFDKDG
EKHRIKLKGYNSIVVQHEIDHINGIMFYDRINEKDPFAVKDGLLILE
;
_entity_poly.pdbx_strand_id   P
#
loop_
_chem_comp.id
_chem_comp.type
_chem_comp.name
_chem_comp.formula
4LI non-polymer (4R)-3-(4-[4-(2-chlorophenyl)piperazin-1-yl]-6-{[2-methyl-6-(methylcarbamoyl)phenyl]amino}-1,3,5-triazin-2-yl)-N-methyl-1,3-thiazolidine-4-carboxamide 'C27 H32 Cl N9 O2 S'
GOL non-polymer GLYCEROL 'C3 H8 O3'
NI non-polymer 'NICKEL (II) ION' 'Ni 2'
SO4 non-polymer 'SULFATE ION' 'O4 S -2'
#
# COMPACT_ATOMS: atom_id res chain seq x y z
N SER A 2 18.89 12.32 -2.82
CA SER A 2 17.73 11.58 -3.27
C SER A 2 16.72 11.40 -2.14
N ALA A 3 15.49 11.02 -2.47
CA ALA A 3 14.50 10.79 -1.43
C ALA A 3 14.91 9.66 -0.51
N ILE A 4 15.42 8.56 -1.08
CA ILE A 4 15.79 7.43 -0.24
C ILE A 4 16.92 7.80 0.72
N GLU A 5 17.89 8.59 0.27
CA GLU A 5 19.01 8.96 1.11
C GLU A 5 18.50 9.82 2.27
N ARG A 6 17.59 10.73 1.95
CA ARG A 6 17.04 11.62 2.96
CA ARG A 6 17.04 11.63 2.97
C ARG A 6 16.18 10.87 3.97
N ILE A 7 15.31 10.00 3.48
CA ILE A 7 14.37 9.29 4.34
C ILE A 7 15.01 8.25 5.24
N THR A 8 16.11 7.67 4.81
CA THR A 8 16.74 6.60 5.57
C THR A 8 17.79 7.08 6.58
N LYS A 9 17.95 8.39 6.73
CA LYS A 9 18.77 8.93 7.80
C LYS A 9 18.20 8.49 9.14
N ALA A 10 19.08 8.11 10.08
CA ALA A 10 18.63 7.65 11.39
C ALA A 10 17.66 8.66 12.00
N ALA A 11 17.97 9.94 11.84
CA ALA A 11 17.20 11.00 12.49
C ALA A 11 15.81 11.24 11.89
N HIS A 12 15.54 10.66 10.72
CA HIS A 12 14.33 11.02 10.00
C HIS A 12 13.14 10.14 10.34
N LEU A 13 12.04 10.76 10.73
CA LEU A 13 10.78 10.03 10.82
C LEU A 13 9.91 10.41 9.63
N ILE A 14 9.38 9.41 8.92
CA ILE A 14 8.54 9.70 7.77
C ILE A 14 7.29 10.41 8.27
N ASP A 15 6.91 11.49 7.61
CA ASP A 15 5.64 12.16 7.92
C ASP A 15 4.92 12.56 6.63
N MET A 16 3.84 13.32 6.74
CA MET A 16 3.05 13.65 5.57
C MET A 16 3.83 14.44 4.51
N ASN A 17 4.84 15.18 4.94
CA ASN A 17 5.63 15.97 4.00
C ASN A 17 6.49 15.12 3.06
N ASP A 18 6.70 13.86 3.40
CA ASP A 18 7.42 12.94 2.51
C ASP A 18 6.51 12.29 1.47
N ILE A 19 5.20 12.43 1.65
CA ILE A 19 4.24 11.72 0.80
C ILE A 19 3.83 12.61 -0.37
N ILE A 20 4.15 12.15 -1.59
CA ILE A 20 3.82 12.92 -2.78
C ILE A 20 2.34 12.79 -3.12
N ARG A 21 1.81 13.77 -3.86
CA ARG A 21 0.38 13.82 -4.13
C ARG A 21 0.03 13.62 -5.61
N GLU A 22 -1.27 13.45 -5.86
CA GLU A 22 -1.80 13.36 -7.22
C GLU A 22 -1.11 14.35 -8.15
N GLY A 23 -0.76 13.90 -9.35
CA GLY A 23 -0.14 14.77 -10.32
C GLY A 23 1.35 14.55 -10.44
N ASN A 24 1.95 14.01 -9.39
CA ASN A 24 3.37 13.68 -9.44
C ASN A 24 3.57 12.44 -10.32
N PRO A 25 4.39 12.58 -11.37
CA PRO A 25 4.58 11.52 -12.37
C PRO A 25 5.00 10.19 -11.74
N THR A 26 5.65 10.25 -10.58
CA THR A 26 6.16 9.04 -9.95
C THR A 26 5.04 8.06 -9.58
N LEU A 27 3.87 8.60 -9.23
CA LEU A 27 2.73 7.76 -8.89
C LEU A 27 2.19 6.99 -10.09
N ARG A 28 2.56 7.45 -11.29
CA ARG A 28 2.07 6.84 -12.52
C ARG A 28 3.14 6.05 -13.24
N THR A 29 4.31 5.94 -12.62
CA THR A 29 5.43 5.19 -13.18
C THR A 29 5.46 3.77 -12.61
N VAL A 30 5.88 2.80 -13.42
CA VAL A 30 6.09 1.44 -12.93
C VAL A 30 7.41 1.35 -12.16
N ALA A 31 7.34 0.93 -10.90
CA ALA A 31 8.52 0.89 -10.04
C ALA A 31 9.47 -0.26 -10.40
N GLU A 32 10.75 -0.05 -10.09
CA GLU A 32 11.78 -1.00 -10.45
C GLU A 32 11.94 -2.07 -9.39
N GLU A 33 12.12 -3.30 -9.84
CA GLU A 33 12.39 -4.42 -8.93
C GLU A 33 13.65 -4.11 -8.11
N VAL A 34 13.65 -4.52 -6.85
CA VAL A 34 14.89 -4.51 -6.08
C VAL A 34 15.69 -5.79 -6.33
N THR A 35 17.01 -5.66 -6.23
CA THR A 35 17.88 -6.81 -6.38
C THR A 35 18.41 -7.28 -5.03
N PHE A 36 18.76 -8.55 -4.93
CA PHE A 36 19.26 -9.13 -3.70
C PHE A 36 20.73 -9.49 -3.86
N PRO A 37 21.54 -9.22 -2.82
CA PRO A 37 21.10 -8.72 -1.52
C PRO A 37 20.70 -7.24 -1.54
N LEU A 38 19.82 -6.89 -0.61
CA LEU A 38 19.38 -5.51 -0.48
C LEU A 38 20.48 -4.62 0.08
N SER A 39 20.45 -3.36 -0.28
CA SER A 39 21.32 -2.40 0.39
C SER A 39 20.81 -2.14 1.79
N ASP A 40 21.67 -1.61 2.66
CA ASP A 40 21.22 -1.18 3.98
C ASP A 40 20.10 -0.18 3.84
N GLN A 41 20.23 0.73 2.88
CA GLN A 41 19.19 1.75 2.66
C GLN A 41 17.82 1.15 2.31
N GLU A 42 17.82 0.10 1.49
CA GLU A 42 16.57 -0.54 1.12
C GLU A 42 15.89 -1.23 2.31
N ILE A 43 16.70 -1.78 3.21
CA ILE A 43 16.19 -2.41 4.41
C ILE A 43 15.65 -1.35 5.37
N ILE A 44 16.44 -0.30 5.59
CA ILE A 44 16.01 0.79 6.45
C ILE A 44 14.72 1.42 5.94
N LEU A 45 14.62 1.61 4.63
CA LEU A 45 13.42 2.21 4.05
C LEU A 45 12.17 1.41 4.42
N GLY A 46 12.23 0.10 4.24
CA GLY A 46 11.07 -0.73 4.59
C GLY A 46 10.71 -0.56 6.05
N GLU A 47 11.73 -0.52 6.91
CA GLU A 47 11.52 -0.38 8.34
C GLU A 47 10.89 0.99 8.68
N LYS A 48 11.39 2.05 8.04
CA LYS A 48 10.82 3.39 8.23
C LYS A 48 9.38 3.46 7.77
N MET A 49 9.07 2.76 6.69
CA MET A 49 7.72 2.75 6.17
C MET A 49 6.77 2.07 7.15
N MET A 50 7.21 0.97 7.74
CA MET A 50 6.39 0.28 8.73
C MET A 50 6.21 1.13 9.98
N GLN A 51 7.28 1.82 10.38
CA GLN A 51 7.20 2.74 11.52
C GLN A 51 6.21 3.86 11.26
N PHE A 52 6.17 4.37 10.04
CA PHE A 52 5.17 5.37 9.67
C PHE A 52 3.75 4.84 9.91
N LEU A 53 3.49 3.63 9.42
CA LEU A 53 2.16 3.06 9.59
C LEU A 53 1.81 2.90 11.08
N LYS A 54 2.76 2.45 11.88
CA LYS A 54 2.50 2.31 13.31
C LYS A 54 2.26 3.67 13.98
N HIS A 55 3.03 4.69 13.61
CA HIS A 55 2.82 6.05 14.10
C HIS A 55 1.44 6.58 13.70
N SER A 56 1.03 6.29 12.48
CA SER A 56 -0.22 6.85 11.96
C SER A 56 -1.42 6.21 12.65
N GLN A 57 -1.21 5.03 13.24
CA GLN A 57 -2.30 4.30 13.88
C GLN A 57 -2.29 4.50 15.41
N ASP A 58 -1.32 5.26 15.88
CA ASP A 58 -1.22 5.63 17.29
C ASP A 58 -1.81 7.02 17.46
N PRO A 59 -2.96 7.12 18.13
CA PRO A 59 -3.67 8.41 18.21
C PRO A 59 -2.77 9.54 18.72
N VAL A 60 -1.96 9.25 19.73
CA VAL A 60 -1.09 10.26 20.32
C VAL A 60 0.00 10.74 19.36
N MET A 61 0.67 9.77 18.74
CA MET A 61 1.76 10.06 17.83
C MET A 61 1.26 10.70 16.54
N ALA A 62 0.17 10.15 15.99
CA ALA A 62 -0.43 10.71 14.79
C ALA A 62 -0.77 12.19 14.99
N GLU A 63 -1.30 12.52 16.17
CA GLU A 63 -1.65 13.90 16.46
C GLU A 63 -0.39 14.77 16.51
N LYS A 64 0.63 14.27 17.20
CA LYS A 64 1.88 15.02 17.34
C LYS A 64 2.56 15.25 16.00
N MET A 65 2.47 14.27 15.11
CA MET A 65 3.20 14.32 13.85
C MET A 65 2.34 14.84 12.71
N GLY A 66 1.05 15.03 12.97
CA GLY A 66 0.11 15.49 11.95
C GLY A 66 -0.16 14.43 10.89
N LEU A 67 -0.28 13.18 11.31
CA LEU A 67 -0.46 12.08 10.35
C LEU A 67 -1.91 11.74 10.09
N ARG A 68 -2.18 11.37 8.84
CA ARG A 68 -3.42 10.75 8.45
C ARG A 68 -3.22 9.25 8.64
N GLY A 69 -4.25 8.56 9.15
CA GLY A 69 -4.13 7.13 9.40
C GLY A 69 -4.04 6.30 8.14
N GLY A 70 -3.18 5.29 8.16
CA GLY A 70 -3.06 4.40 7.02
C GLY A 70 -2.80 2.97 7.43
N VAL A 71 -3.14 2.03 6.54
CA VAL A 71 -2.82 0.62 6.75
C VAL A 71 -1.90 0.06 5.65
N GLY A 72 -1.48 0.91 4.73
CA GLY A 72 -0.53 0.51 3.71
C GLY A 72 0.26 1.69 3.19
N LEU A 73 1.45 1.43 2.68
CA LEU A 73 2.29 2.47 2.09
C LEU A 73 3.19 1.85 1.03
N ALA A 74 3.35 2.51 -0.11
CA ALA A 74 4.21 2.01 -1.16
C ALA A 74 5.33 2.99 -1.42
N ALA A 75 6.52 2.49 -1.72
CA ALA A 75 7.67 3.37 -1.88
C ALA A 75 7.45 4.50 -2.89
N PRO A 76 6.74 4.25 -4.00
CA PRO A 76 6.52 5.36 -4.93
C PRO A 76 5.79 6.55 -4.31
N GLN A 77 5.02 6.31 -3.25
CA GLN A 77 4.36 7.41 -2.55
C GLN A 77 5.35 8.29 -1.81
N LEU A 78 6.58 7.81 -1.66
CA LEU A 78 7.66 8.60 -1.05
C LEU A 78 8.61 9.11 -2.13
N ASP A 79 8.14 9.07 -3.36
CA ASP A 79 8.94 9.46 -4.52
C ASP A 79 10.12 8.52 -4.73
N ILE A 80 9.96 7.26 -4.31
CA ILE A 80 11.01 6.27 -4.47
C ILE A 80 10.48 5.13 -5.35
N SER A 81 10.99 5.05 -6.58
CA SER A 81 10.42 4.14 -7.57
C SER A 81 11.01 2.73 -7.44
N LYS A 82 10.74 2.09 -6.30
CA LYS A 82 11.17 0.72 -6.02
C LYS A 82 9.97 -0.12 -5.59
N ARG A 83 10.03 -1.41 -5.91
CA ARG A 83 8.91 -2.31 -5.60
C ARG A 83 8.99 -2.78 -4.13
N ILE A 84 8.65 -1.85 -3.24
CA ILE A 84 8.69 -2.06 -1.80
C ILE A 84 7.40 -1.52 -1.21
N ILE A 85 6.69 -2.35 -0.44
CA ILE A 85 5.44 -1.92 0.19
C ILE A 85 5.43 -2.36 1.64
N ALA A 86 4.67 -1.64 2.46
CA ALA A 86 4.48 -2.03 3.85
C ALA A 86 2.99 -2.11 4.11
N VAL A 87 2.57 -3.15 4.81
CA VAL A 87 1.16 -3.30 5.15
CA VAL A 87 1.16 -3.35 5.12
C VAL A 87 1.00 -3.62 6.62
N LEU A 88 -0.01 -3.00 7.22
CA LEU A 88 -0.25 -3.13 8.66
C LEU A 88 -1.72 -2.98 8.94
N VAL A 89 -2.42 -4.11 8.99
CA VAL A 89 -3.86 -4.11 9.18
C VAL A 89 -4.18 -4.59 10.58
N PRO A 90 -4.69 -3.69 11.43
CA PRO A 90 -4.99 -4.11 12.79
C PRO A 90 -6.20 -5.03 12.84
N ASN A 91 -6.24 -5.95 13.80
CA ASN A 91 -7.43 -6.74 14.03
C ASN A 91 -8.49 -5.88 14.72
N ILE A 92 -9.70 -5.87 14.16
CA ILE A 92 -10.77 -5.03 14.66
C ILE A 92 -11.36 -5.56 15.97
N ALA A 102 -2.28 -8.19 17.86
CA ALA A 102 -2.67 -6.81 17.56
C ALA A 102 -2.96 -6.60 16.07
N TYR A 103 -2.33 -7.39 15.22
CA TYR A 103 -2.45 -7.18 13.77
C TYR A 103 -2.94 -8.39 12.98
N ASP A 104 -3.84 -8.13 12.04
CA ASP A 104 -4.36 -9.17 11.14
C ASP A 104 -3.30 -9.47 10.09
N LEU A 105 -2.50 -8.46 9.77
CA LEU A 105 -1.44 -8.60 8.80
C LEU A 105 -0.39 -7.52 9.02
N GLU A 106 0.87 -7.94 9.16
CA GLU A 106 1.99 -7.03 9.31
C GLU A 106 3.11 -7.54 8.41
N ALA A 107 3.47 -6.79 7.39
CA ALA A 107 4.53 -7.25 6.50
C ALA A 107 5.22 -6.12 5.75
N ILE A 108 6.55 -6.23 5.62
CA ILE A 108 7.29 -5.42 4.68
C ILE A 108 7.61 -6.32 3.49
N MET A 109 7.12 -5.96 2.31
CA MET A 109 7.24 -6.84 1.15
C MET A 109 8.12 -6.25 0.07
N TYR A 110 9.11 -7.02 -0.37
CA TYR A 110 9.98 -6.65 -1.47
C TYR A 110 9.59 -7.43 -2.72
N ASN A 111 9.45 -6.72 -3.83
CA ASN A 111 9.00 -7.33 -5.10
C ASN A 111 7.74 -8.20 -4.96
N PRO A 112 6.69 -7.64 -4.35
CA PRO A 112 5.45 -8.41 -4.20
C PRO A 112 4.78 -8.65 -5.55
N LYS A 113 4.12 -9.79 -5.70
CA LYS A 113 3.45 -10.11 -6.96
C LYS A 113 2.24 -10.96 -6.66
N ILE A 114 1.12 -10.65 -7.32
CA ILE A 114 -0.05 -11.52 -7.23
C ILE A 114 0.15 -12.69 -8.20
N VAL A 115 0.14 -13.91 -7.68
CA VAL A 115 0.39 -15.08 -8.52
C VAL A 115 -0.85 -15.93 -8.78
N SER A 116 -1.92 -15.65 -8.04
CA SER A 116 -3.21 -16.26 -8.31
C SER A 116 -4.32 -15.36 -7.76
N HIS A 117 -5.49 -15.39 -8.39
CA HIS A 117 -6.61 -14.62 -7.85
C HIS A 117 -7.94 -15.31 -8.15
N SER A 118 -8.93 -15.01 -7.32
CA SER A 118 -10.26 -15.58 -7.46
C SER A 118 -11.01 -14.97 -8.64
N VAL A 119 -11.93 -15.73 -9.21
CA VAL A 119 -12.84 -15.17 -10.18
C VAL A 119 -13.74 -14.12 -9.52
N GLN A 120 -14.19 -14.43 -8.30
CA GLN A 120 -15.00 -13.49 -7.54
C GLN A 120 -14.26 -12.17 -7.33
N ASP A 121 -14.98 -11.06 -7.47
CA ASP A 121 -14.47 -9.73 -7.16
C ASP A 121 -14.96 -9.28 -5.78
N ALA A 122 -14.32 -8.25 -5.25
CA ALA A 122 -14.75 -7.63 -4.00
C ALA A 122 -14.44 -6.13 -4.02
N ALA A 123 -15.16 -5.39 -3.19
CA ALA A 123 -14.90 -3.98 -3.01
C ALA A 123 -15.35 -3.57 -1.62
N LEU A 124 -14.62 -2.62 -1.03
CA LEU A 124 -15.03 -2.04 0.26
C LEU A 124 -16.32 -1.26 0.06
N GLY A 125 -17.30 -1.53 0.91
CA GLY A 125 -18.58 -0.83 0.82
C GLY A 125 -18.42 0.66 1.04
N GLU A 126 -17.42 1.05 1.81
CA GLU A 126 -17.25 2.45 2.13
C GLU A 126 -16.28 3.17 1.19
N GLY A 127 -15.87 2.49 0.13
CA GLY A 127 -14.91 3.06 -0.82
C GLY A 127 -13.50 3.04 -0.26
N GLU A 128 -12.55 3.62 -0.99
CA GLU A 128 -11.15 3.62 -0.57
C GLU A 128 -10.59 5.02 -0.44
N GLY A 129 -9.68 5.18 0.51
CA GLY A 129 -8.96 6.42 0.71
C GLY A 129 -7.50 6.20 0.37
N OCS A 130 -6.76 7.29 0.19
CA OCS A 130 -5.37 7.20 -0.21
CB OCS A 130 -5.25 7.04 -1.73
SG OCS A 130 -3.62 6.68 -2.45
C OCS A 130 -4.60 8.42 0.29
O OCS A 130 -5.08 9.50 0.21
OD1 OCS A 130 -3.79 6.61 -4.09
OD2 OCS A 130 -2.58 7.89 -2.07
N LEU A 131 -3.40 8.20 0.80
CA LEU A 131 -2.62 9.27 1.41
C LEU A 131 -2.14 10.32 0.43
N SER A 132 -2.05 9.95 -0.84
CA SER A 132 -1.59 10.85 -1.88
C SER A 132 -2.74 11.61 -2.54
N VAL A 133 -3.96 11.34 -2.07
CA VAL A 133 -5.17 11.90 -2.66
C VAL A 133 -5.93 12.73 -1.63
N ASP A 134 -5.90 14.05 -1.78
CA ASP A 134 -6.52 14.95 -0.82
C ASP A 134 -7.91 15.39 -1.24
N ARG A 135 -8.76 14.40 -1.50
CA ARG A 135 -10.15 14.63 -1.84
C ARG A 135 -10.87 13.31 -1.68
N ASN A 136 -12.20 13.34 -1.76
CA ASN A 136 -12.98 12.11 -1.72
C ASN A 136 -13.39 11.71 -3.12
N VAL A 137 -13.09 10.47 -3.48
CA VAL A 137 -13.50 9.93 -4.77
C VAL A 137 -14.40 8.73 -4.53
N PRO A 138 -15.72 8.94 -4.65
CA PRO A 138 -16.74 7.95 -4.27
C PRO A 138 -16.81 6.79 -5.24
N GLY A 139 -17.24 5.63 -4.75
CA GLY A 139 -17.47 4.49 -5.61
C GLY A 139 -16.82 3.21 -5.13
N TYR A 140 -17.38 2.10 -5.58
CA TYR A 140 -16.81 0.79 -5.30
C TYR A 140 -15.54 0.58 -6.11
N VAL A 141 -14.43 0.33 -5.42
CA VAL A 141 -13.17 0.07 -6.09
C VAL A 141 -13.09 -1.44 -6.32
N VAL A 142 -13.26 -1.87 -7.55
CA VAL A 142 -13.40 -3.29 -7.84
C VAL A 142 -12.06 -4.02 -7.88
N ARG A 143 -11.90 -5.00 -6.99
CA ARG A 143 -10.66 -5.77 -6.87
C ARG A 143 -10.95 -7.27 -6.88
N HIS A 144 -9.91 -8.10 -6.85
CA HIS A 144 -10.13 -9.54 -6.68
C HIS A 144 -10.54 -9.82 -5.24
N ALA A 145 -11.47 -10.74 -5.02
CA ALA A 145 -11.85 -11.08 -3.65
C ALA A 145 -10.68 -11.70 -2.88
N ARG A 146 -10.04 -12.68 -3.51
CA ARG A 146 -8.98 -13.45 -2.88
C ARG A 146 -7.74 -13.45 -3.77
N VAL A 147 -6.57 -13.31 -3.16
CA VAL A 147 -5.31 -13.34 -3.88
C VAL A 147 -4.26 -14.19 -3.18
N THR A 148 -3.39 -14.80 -3.98
CA THR A 148 -2.16 -15.43 -3.50
C THR A 148 -1.03 -14.49 -3.88
N VAL A 149 -0.23 -14.09 -2.89
CA VAL A 149 0.83 -13.11 -3.10
C VAL A 149 2.18 -13.71 -2.75
N ASP A 150 3.14 -13.57 -3.67
CA ASP A 150 4.54 -13.91 -3.42
C ASP A 150 5.28 -12.62 -3.13
N TYR A 151 6.22 -12.69 -2.20
CA TYR A 151 7.10 -11.54 -1.95
C TYR A 151 8.36 -12.02 -1.28
N PHE A 152 9.35 -11.14 -1.21
CA PHE A 152 10.58 -11.48 -0.50
C PHE A 152 10.71 -10.62 0.74
N ASP A 153 11.26 -11.19 1.79
CA ASP A 153 11.57 -10.37 2.97
C ASP A 153 12.96 -9.77 2.86
N LYS A 154 13.36 -9.08 3.91
CA LYS A 154 14.63 -8.36 3.87
C LYS A 154 15.85 -9.28 3.70
N ASP A 155 15.70 -10.55 4.08
CA ASP A 155 16.79 -11.53 3.93
C ASP A 155 16.79 -12.22 2.58
N GLY A 156 15.83 -11.86 1.71
CA GLY A 156 15.71 -12.50 0.42
C GLY A 156 15.00 -13.84 0.45
N GLU A 157 14.33 -14.13 1.57
CA GLU A 157 13.54 -15.35 1.68
C GLU A 157 12.18 -15.11 1.05
N LYS A 158 11.72 -16.09 0.25
CA LYS A 158 10.44 -16.00 -0.43
C LYS A 158 9.29 -16.43 0.47
N HIS A 159 8.22 -15.65 0.44
CA HIS A 159 6.99 -15.97 1.16
C HIS A 159 5.85 -16.05 0.16
N ARG A 160 4.91 -16.94 0.43
CA ARG A 160 3.72 -17.09 -0.41
C ARG A 160 2.53 -17.14 0.54
N ILE A 161 1.68 -16.14 0.45
CA ILE A 161 0.56 -16.01 1.37
C ILE A 161 -0.76 -15.91 0.63
N LYS A 162 -1.84 -16.30 1.30
CA LYS A 162 -3.18 -16.18 0.77
C LYS A 162 -3.99 -15.20 1.59
N LEU A 163 -4.63 -14.26 0.89
CA LEU A 163 -5.35 -13.18 1.53
C LEU A 163 -6.80 -13.12 1.10
N LYS A 164 -7.67 -12.72 2.02
CA LYS A 164 -9.05 -12.45 1.71
C LYS A 164 -9.51 -11.22 2.48
N GLY A 165 -10.78 -10.85 2.30
CA GLY A 165 -11.35 -9.73 3.02
C GLY A 165 -10.56 -8.46 2.92
N TYR A 166 -10.44 -7.72 4.03
CA TYR A 166 -9.74 -6.45 4.03
C TYR A 166 -8.26 -6.60 3.63
N ASN A 167 -7.61 -7.65 4.13
CA ASN A 167 -6.20 -7.85 3.85
C ASN A 167 -5.94 -7.89 2.36
N SER A 168 -6.80 -8.63 1.66
CA SER A 168 -6.66 -8.77 0.23
C SER A 168 -6.81 -7.42 -0.48
N ILE A 169 -7.77 -6.61 -0.04
CA ILE A 169 -7.98 -5.28 -0.62
C ILE A 169 -6.74 -4.41 -0.42
N VAL A 170 -6.22 -4.38 0.80
CA VAL A 170 -5.09 -3.52 1.14
C VAL A 170 -3.84 -3.88 0.33
N VAL A 171 -3.53 -5.17 0.25
CA VAL A 171 -2.35 -5.58 -0.48
C VAL A 171 -2.48 -5.28 -1.97
N GLN A 172 -3.66 -5.50 -2.55
CA GLN A 172 -3.87 -5.16 -3.95
C GLN A 172 -3.71 -3.66 -4.21
N HIS A 173 -4.20 -2.85 -3.27
CA HIS A 173 -4.09 -1.40 -3.37
C HIS A 173 -2.61 -1.00 -3.42
N GLU A 174 -1.81 -1.56 -2.53
CA GLU A 174 -0.40 -1.19 -2.48
C GLU A 174 0.36 -1.70 -3.70
N ILE A 175 0.03 -2.90 -4.16
CA ILE A 175 0.71 -3.42 -5.33
C ILE A 175 0.36 -2.55 -6.54
N ASP A 176 -0.88 -2.07 -6.60
CA ASP A 176 -1.25 -1.16 -7.68
C ASP A 176 -0.27 0.04 -7.73
N HIS A 177 0.11 0.58 -6.57
CA HIS A 177 1.01 1.73 -6.58
C HIS A 177 2.34 1.44 -7.27
N ILE A 178 2.87 0.23 -7.07
CA ILE A 178 4.16 -0.05 -7.67
C ILE A 178 4.02 -0.33 -9.17
N ASN A 179 2.77 -0.39 -9.63
CA ASN A 179 2.44 -0.53 -11.05
C ASN A 179 1.85 0.74 -11.69
N GLY A 180 1.92 1.86 -10.95
CA GLY A 180 1.44 3.13 -11.44
C GLY A 180 -0.08 3.24 -11.55
N ILE A 181 -0.78 2.44 -10.74
CA ILE A 181 -2.24 2.41 -10.74
C ILE A 181 -2.83 3.04 -9.48
N MET A 182 -3.91 3.81 -9.66
CA MET A 182 -4.58 4.49 -8.56
C MET A 182 -5.96 3.88 -8.32
N PHE A 183 -6.46 3.96 -7.09
CA PHE A 183 -7.69 3.27 -6.74
C PHE A 183 -8.89 3.67 -7.59
N TYR A 184 -8.96 4.93 -8.01
CA TYR A 184 -10.09 5.37 -8.79
C TYR A 184 -10.05 4.87 -10.24
N ASP A 185 -8.91 4.31 -10.63
CA ASP A 185 -8.81 3.65 -11.93
C ASP A 185 -9.74 2.44 -11.99
N ARG A 186 -10.16 1.95 -10.82
CA ARG A 186 -10.93 0.72 -10.75
C ARG A 186 -12.38 0.96 -10.34
N ILE A 187 -12.79 2.23 -10.34
CA ILE A 187 -14.17 2.60 -10.06
C ILE A 187 -14.91 2.76 -11.38
N ASN A 188 -16.11 2.19 -11.45
CA ASN A 188 -16.92 2.27 -12.67
C ASN A 188 -17.25 3.72 -12.99
N GLU A 189 -16.71 4.22 -14.09
CA GLU A 189 -16.86 5.63 -14.48
C GLU A 189 -18.31 6.11 -14.49
N LYS A 190 -19.12 5.52 -15.35
CA LYS A 190 -20.52 5.91 -15.48
C LYS A 190 -21.31 5.71 -14.19
N ASP A 191 -21.12 4.55 -13.55
CA ASP A 191 -21.93 4.17 -12.40
C ASP A 191 -21.07 3.61 -11.27
N PRO A 192 -20.57 4.50 -10.40
CA PRO A 192 -19.58 4.18 -9.35
C PRO A 192 -20.07 3.14 -8.34
N PHE A 193 -21.38 3.06 -8.11
CA PHE A 193 -21.91 2.12 -7.13
C PHE A 193 -22.66 0.95 -7.76
N ALA A 194 -22.36 0.67 -9.02
CA ALA A 194 -22.91 -0.49 -9.70
C ALA A 194 -22.43 -1.77 -9.01
N VAL A 195 -23.31 -2.76 -8.93
CA VAL A 195 -22.96 -4.06 -8.38
C VAL A 195 -23.17 -5.16 -9.40
N LYS A 196 -22.07 -5.56 -10.05
CA LYS A 196 -22.12 -6.58 -11.10
C LYS A 196 -22.26 -7.95 -10.45
N ASP A 197 -22.77 -8.91 -11.21
CA ASP A 197 -22.78 -10.28 -10.71
C ASP A 197 -21.34 -10.70 -10.38
N GLY A 198 -21.17 -11.29 -9.19
CA GLY A 198 -19.87 -11.78 -8.78
C GLY A 198 -19.05 -10.79 -7.99
N LEU A 199 -19.65 -9.67 -7.60
CA LEU A 199 -18.94 -8.66 -6.82
C LEU A 199 -19.42 -8.67 -5.37
N LEU A 200 -18.52 -9.01 -4.46
CA LEU A 200 -18.79 -9.00 -3.04
C LEU A 200 -18.56 -7.61 -2.48
N ILE A 201 -19.54 -7.07 -1.75
CA ILE A 201 -19.38 -5.78 -1.09
C ILE A 201 -19.02 -6.01 0.37
N LEU A 202 -17.83 -5.56 0.77
CA LEU A 202 -17.36 -5.80 2.13
C LEU A 202 -17.82 -4.70 3.08
N GLU A 203 -18.60 -5.11 4.08
CA GLU A 203 -19.09 -4.19 5.11
C GLU A 203 -19.70 -4.96 6.28
S SO4 B . -11.01 -19.21 -5.33
O1 SO4 B . -12.26 -18.58 -5.74
O2 SO4 B . -10.28 -18.37 -4.36
O3 SO4 B . -10.18 -19.44 -6.51
O4 SO4 B . -11.30 -20.50 -4.69
S SO4 C . 22.99 8.11 9.46
O1 SO4 C . 24.14 8.42 8.62
O2 SO4 C . 23.45 7.74 10.79
O3 SO4 C . 22.13 9.29 9.56
O4 SO4 C . 22.24 7.01 8.87
S SO4 D . -5.95 -6.92 -12.56
O1 SO4 D . -5.73 -5.84 -13.53
O2 SO4 D . -4.91 -6.89 -11.55
O3 SO4 D . -7.26 -6.75 -11.94
O4 SO4 D . -5.92 -8.20 -13.27
C1 4LI E . -7.24 6.42 11.56
C2 4LI E . -6.41 5.78 12.46
C3 4LI E . -14.82 4.36 5.91
C4 4LI E . -14.41 5.24 4.94
C5 4LI E . -14.28 3.10 5.99
C6 4LI E . -7.71 5.74 10.46
C7 4LI E . -6.05 4.47 12.25
C8 4LI E . -13.45 4.82 4.04
C9 4LI E . -13.32 2.70 5.09
C10 4LI E . -7.35 4.44 10.24
C11 4LI E . -12.90 3.56 4.10
C12 4LI E . -6.53 3.82 11.14
C13 4LI E . -8.99 3.32 5.20
C14 4LI E . -8.40 2.71 3.09
C15 4LI E . -10.58 3.10 3.59
C16 4LI E . -13.02 5.77 3.02
C17 4LI E . -5.41 3.03 3.26
C18 4LI E . -9.13 4.25 8.72
C19 4LI E . -6.81 3.80 8.07
C20 4LI E . -9.60 3.47 7.52
C21 4LI E . -7.29 3.09 6.83
C22 4LI E . -5.46 1.03 1.80
C23 4LI E . -7.97 1.44 1.17
C24 4LI E . -6.23 1.85 2.81
C25 4LI E . -12.75 1.32 5.17
C26 4LI E . -13.57 6.72 0.86
C27 4LI E . -5.08 5.41 3.04
N28 4LI E . -8.03 2.98 4.33
N29 4LI E . -10.29 3.39 4.87
N30 4LI E . -9.68 2.75 2.68
N31 4LI E . -7.83 3.74 9.11
N32 4LI E . -8.60 3.63 6.50
N33 4LI E . -7.43 2.36 2.14
N34 4LI E . -11.92 3.15 3.19
N35 4LI E . -13.81 5.77 1.91
N36 4LI E . -5.77 4.20 2.67
O37 4LI E . -12.03 6.47 3.21
O38 4LI E . -4.51 2.93 4.09
S39 4LI E . -6.71 0.20 0.79
CL40 4LI E . -6.08 2.17 10.88
NI NI F . -2.65 4.39 -1.68
C1 GOL G . -6.28 -16.91 -4.45
O1 GOL G . -5.70 -17.04 -3.17
C2 GOL G . -6.61 -18.29 -5.01
O2 GOL G . -7.40 -18.98 -4.06
C3 GOL G . -7.41 -18.12 -6.30
O3 GOL G . -7.68 -19.39 -6.87
#